data_4FVQ
#
_entry.id   4FVQ
#
_cell.length_a   44.632
_cell.length_b   57.548
_cell.length_c   60.967
_cell.angle_alpha   90.000
_cell.angle_beta   110.850
_cell.angle_gamma   90.000
#
_symmetry.space_group_name_H-M   'P 1 21 1'
#
loop_
_entity.id
_entity.type
_entity.pdbx_description
1 polymer 'Tyrosine-protein kinase JAK2'
2 non-polymer "ADENOSINE-5'-TRIPHOSPHATE"
3 non-polymer 'MAGNESIUM ION'
4 non-polymer 'ACETATE ION'
5 water water
#
_entity_poly.entity_id   1
_entity_poly.type   'polypeptide(L)'
_entity_poly.pdbx_seq_one_letter_code
;VFHKIRNEDLIFNESLGQGTFTKIFKGVRREVGDYGQLHETEVLLKVLDKAHRNYSESFFEAASMMSKLSHKHLVLNYGV
CVCGDENILVQEFVKFGSLDTYLKKNKNCINILWKLEVAKQLAAAMHFLEENTLIHGNVCAKNILLIREEDRKTGNPPFI
KLSDPGISITVLPKDILQERIPWVPPECIENPKNLNLATDKWSFGTTLWEICSGGDKPLSALDSQRKLQFYEDRHQLPAP
KAAELANLINNCMDYEPDHRPSFRAIIRDLNSLFTPDLVPRGSHHHHHH
;
_entity_poly.pdbx_strand_id   A
#
loop_
_chem_comp.id
_chem_comp.type
_chem_comp.name
_chem_comp.formula
ACT non-polymer 'ACETATE ION' 'C2 H3 O2 -1'
ATP non-polymer ADENOSINE-5'-TRIPHOSPHATE 'C10 H16 N5 O13 P3'
MG non-polymer 'MAGNESIUM ION' 'Mg 2'
#
# COMPACT_ATOMS: atom_id res chain seq x y z
N VAL A 1 8.37 -19.20 8.04
CA VAL A 1 8.09 -19.43 6.60
C VAL A 1 6.59 -19.54 6.36
N PHE A 2 6.19 -19.26 5.13
CA PHE A 2 4.77 -19.29 4.77
C PHE A 2 4.21 -20.71 4.74
N HIS A 3 2.96 -20.84 5.17
CA HIS A 3 2.17 -22.05 4.92
C HIS A 3 2.12 -22.37 3.44
N LYS A 4 2.34 -23.62 3.08
CA LYS A 4 2.30 -24.06 1.69
C LYS A 4 0.90 -24.50 1.32
N ILE A 5 0.34 -23.92 0.26
CA ILE A 5 -1.00 -24.26 -0.23
C ILE A 5 -0.85 -25.02 -1.54
N ARG A 6 -1.56 -26.13 -1.67
CA ARG A 6 -1.54 -26.97 -2.86
C ARG A 6 -2.22 -26.27 -4.03
N ASN A 7 -1.69 -26.42 -5.24
CA ASN A 7 -2.37 -25.83 -6.41
C ASN A 7 -3.76 -26.40 -6.62
N GLU A 8 -3.92 -27.67 -6.28
CA GLU A 8 -5.22 -28.36 -6.37
C GLU A 8 -6.32 -27.75 -5.51
N ASP A 9 -5.93 -27.02 -4.47
CA ASP A 9 -6.93 -26.40 -3.58
C ASP A 9 -7.24 -24.94 -3.95
N LEU A 10 -6.69 -24.45 -5.05
CA LEU A 10 -6.91 -23.08 -5.51
C LEU A 10 -7.62 -23.09 -6.85
N ILE A 11 -8.64 -22.26 -7.01
CA ILE A 11 -9.24 -22.04 -8.33
C ILE A 11 -9.06 -20.56 -8.70
N PHE A 12 -8.52 -20.31 -9.88
CA PHE A 12 -8.33 -18.94 -10.37
C PHE A 12 -9.59 -18.46 -11.07
N ASN A 13 -10.13 -17.33 -10.64
CA ASN A 13 -11.26 -16.74 -11.34
C ASN A 13 -10.82 -15.39 -11.94
N GLU A 14 -11.60 -14.34 -11.79
CA GLU A 14 -11.40 -13.18 -12.66
C GLU A 14 -10.09 -12.43 -12.40
N SER A 15 -9.55 -11.86 -13.47
CA SER A 15 -8.38 -11.00 -13.36
C SER A 15 -8.76 -9.64 -12.77
N LEU A 16 -7.93 -9.17 -11.85
CA LEU A 16 -8.03 -7.84 -11.25
C LEU A 16 -6.93 -6.90 -11.77
N GLY A 17 -6.21 -7.36 -12.78
CA GLY A 17 -5.29 -6.50 -13.49
C GLY A 17 -3.89 -6.92 -13.20
N GLN A 18 -2.97 -5.98 -13.40
CA GLN A 18 -1.55 -6.23 -13.31
C GLN A 18 -0.94 -5.26 -12.31
N GLY A 19 0.01 -5.76 -11.54
CA GLY A 19 0.81 -4.91 -10.65
C GLY A 19 2.25 -4.88 -11.14
N THR A 20 3.17 -4.68 -10.22
CA THR A 20 4.57 -4.55 -10.59
C THR A 20 5.13 -5.96 -10.73
N PHE A 21 5.26 -6.38 -12.00
CA PHE A 21 5.71 -7.73 -12.36
C PHE A 21 4.78 -8.83 -11.87
N THR A 22 3.52 -8.48 -11.68
CA THR A 22 2.54 -9.45 -11.21
C THR A 22 1.27 -9.43 -12.02
N LYS A 23 0.51 -10.52 -11.94
CA LYS A 23 -0.85 -10.60 -12.39
C LYS A 23 -1.70 -10.97 -11.18
N ILE A 24 -2.81 -10.26 -10.98
CA ILE A 24 -3.64 -10.44 -9.80
C ILE A 24 -4.97 -11.05 -10.22
N PHE A 25 -5.45 -12.02 -9.44
CA PHE A 25 -6.72 -12.72 -9.67
C PHE A 25 -7.52 -12.86 -8.38
N LYS A 26 -8.84 -12.86 -8.53
CA LYS A 26 -9.74 -13.35 -7.50
C LYS A 26 -9.75 -14.87 -7.63
N GLY A 27 -9.74 -15.56 -6.51
CA GLY A 27 -9.82 -17.01 -6.50
C GLY A 27 -10.60 -17.59 -5.34
N VAL A 28 -10.66 -18.92 -5.33
CA VAL A 28 -11.28 -19.67 -4.26
C VAL A 28 -10.29 -20.68 -3.73
N ARG A 29 -10.19 -20.76 -2.40
CA ARG A 29 -9.32 -21.72 -1.74
C ARG A 29 -10.21 -22.71 -0.96
N ARG A 30 -10.04 -24.00 -1.23
CA ARG A 30 -10.67 -25.03 -0.46
C ARG A 30 -9.75 -25.39 0.70
N GLU A 31 -10.27 -25.39 1.91
CA GLU A 31 -9.43 -25.65 3.08
C GLU A 31 -10.22 -26.31 4.19
N VAL A 32 -9.49 -26.96 5.08
CA VAL A 32 -10.06 -27.45 6.33
C VAL A 32 -9.81 -26.35 7.34
N GLY A 33 -10.87 -25.82 7.93
CA GLY A 33 -10.73 -24.76 8.89
C GLY A 33 -10.83 -25.27 10.29
N ASP A 34 -11.23 -24.37 11.18
CA ASP A 34 -11.35 -24.70 12.57
C ASP A 34 -12.40 -25.80 12.72
N TYR A 35 -12.17 -26.64 13.72
CA TYR A 35 -13.05 -27.75 14.03
C TYR A 35 -13.18 -28.78 12.91
N GLY A 36 -12.25 -28.77 11.96
CA GLY A 36 -12.28 -29.77 10.88
C GLY A 36 -13.33 -29.50 9.81
N GLN A 37 -13.86 -28.28 9.84
CA GLN A 37 -14.93 -27.89 8.94
C GLN A 37 -14.32 -27.50 7.60
N LEU A 38 -14.87 -28.05 6.52
CA LEU A 38 -14.45 -27.70 5.18
C LEU A 38 -15.01 -26.33 4.75
N HIS A 39 -14.15 -25.51 4.17
CA HIS A 39 -14.53 -24.19 3.67
C HIS A 39 -14.09 -24.00 2.26
N GLU A 40 -14.85 -23.20 1.52
CA GLU A 40 -14.37 -22.57 0.30
C GLU A 40 -14.35 -21.07 0.53
N THR A 41 -13.15 -20.50 0.47
CA THR A 41 -12.88 -19.14 0.94
C THR A 41 -12.46 -18.29 -0.26
N GLU A 42 -13.09 -17.13 -0.45
CA GLU A 42 -12.62 -16.17 -1.46
C GLU A 42 -11.20 -15.74 -1.10
N VAL A 43 -10.30 -15.72 -2.08
CA VAL A 43 -8.92 -15.27 -1.83
C VAL A 43 -8.43 -14.37 -2.96
N LEU A 44 -7.36 -13.64 -2.68
CA LEU A 44 -6.67 -12.80 -3.64
C LEU A 44 -5.41 -13.56 -4.00
N LEU A 45 -5.20 -13.81 -5.29
CA LEU A 45 -4.02 -14.55 -5.77
C LEU A 45 -3.11 -13.62 -6.55
N LYS A 46 -1.89 -13.43 -6.04
CA LYS A 46 -0.90 -12.58 -6.68
C LYS A 46 0.10 -13.50 -7.34
N VAL A 47 0.20 -13.41 -8.66
CA VAL A 47 1.08 -14.31 -9.42
C VAL A 47 2.27 -13.53 -9.98
N LEU A 48 3.47 -13.87 -9.52
CA LEU A 48 4.68 -13.28 -10.07
C LEU A 48 4.84 -13.68 -11.55
N ASP A 49 5.09 -12.71 -12.42
CA ASP A 49 5.27 -13.01 -13.84
C ASP A 49 6.40 -14.04 -14.00
N LYS A 50 6.19 -15.03 -14.87
CA LYS A 50 7.20 -16.05 -15.18
C LYS A 50 8.51 -15.40 -15.65
N ALA A 51 8.36 -14.43 -16.56
CA ALA A 51 9.48 -13.68 -17.15
C ALA A 51 10.31 -12.93 -16.12
N HIS A 52 9.76 -12.71 -14.93
CA HIS A 52 10.41 -11.93 -13.89
C HIS A 52 10.64 -12.78 -12.66
N ARG A 53 10.80 -14.09 -12.86
CA ARG A 53 11.04 -15.03 -11.76
C ARG A 53 12.34 -14.76 -10.97
N ASN A 54 13.23 -13.95 -11.51
CA ASN A 54 14.42 -13.55 -10.75
C ASN A 54 14.07 -12.68 -9.53
N TYR A 55 12.87 -12.08 -9.53
CA TYR A 55 12.44 -11.20 -8.43
C TYR A 55 11.67 -11.96 -7.35
N SER A 56 11.60 -13.28 -7.45
CA SER A 56 10.75 -14.05 -6.53
C SER A 56 11.18 -13.87 -5.07
N GLU A 57 12.50 -13.83 -4.83
CA GLU A 57 13.00 -13.69 -3.45
C GLU A 57 12.46 -12.41 -2.84
N SER A 58 12.57 -11.29 -3.55
CA SER A 58 12.05 -10.02 -3.06
C SER A 58 10.51 -10.04 -2.96
N PHE A 59 9.86 -10.61 -3.96
CA PHE A 59 8.40 -10.78 -3.99
C PHE A 59 7.89 -11.43 -2.69
N PHE A 60 8.55 -12.49 -2.25
CA PHE A 60 8.09 -13.24 -1.07
C PHE A 60 8.66 -12.72 0.25
N GLU A 61 9.87 -12.17 0.20
CA GLU A 61 10.54 -11.61 1.37
C GLU A 61 9.65 -10.55 2.00
N ALA A 62 9.15 -9.68 1.12
CA ALA A 62 8.22 -8.61 1.44
C ALA A 62 7.09 -9.13 2.34
N ALA A 63 6.21 -9.91 1.71
CA ALA A 63 5.09 -10.57 2.34
C ALA A 63 5.44 -11.20 3.68
N SER A 64 6.52 -11.97 3.68
CA SER A 64 6.91 -12.78 4.84
C SER A 64 7.13 -11.95 6.09
N MET A 65 7.99 -10.95 6.01
CA MET A 65 8.42 -10.22 7.22
C MET A 65 7.20 -9.54 7.86
N MET A 66 6.36 -8.93 7.03
CA MET A 66 5.16 -8.29 7.53
C MET A 66 4.13 -9.30 8.08
N SER A 67 3.98 -10.43 7.41
CA SER A 67 3.11 -11.51 7.92
C SER A 67 3.58 -12.13 9.23
N LYS A 68 4.83 -11.90 9.61
CA LYS A 68 5.30 -12.24 10.98
C LYS A 68 4.69 -11.32 12.03
N LEU A 69 4.06 -10.24 11.58
CA LEU A 69 3.37 -9.35 12.48
C LEU A 69 1.86 -9.50 12.22
N SER A 70 1.08 -9.44 13.29
CA SER A 70 -0.38 -9.43 13.17
C SER A 70 -0.82 -8.04 13.61
N HIS A 71 -1.62 -7.38 12.80
CA HIS A 71 -2.21 -6.10 13.18
C HIS A 71 -3.48 -5.89 12.43
N LYS A 72 -4.45 -5.25 13.09
CA LYS A 72 -5.79 -5.12 12.50
C LYS A 72 -5.81 -4.33 11.18
N HIS A 73 -4.83 -3.47 10.96
CA HIS A 73 -4.76 -2.65 9.74
C HIS A 73 -3.74 -3.14 8.73
N LEU A 74 -3.30 -4.38 8.90
CA LEU A 74 -2.39 -5.04 7.96
C LEU A 74 -3.06 -6.26 7.33
N VAL A 75 -2.97 -6.35 6.01
CA VAL A 75 -3.59 -7.45 5.25
C VAL A 75 -3.02 -8.80 5.66
N LEU A 76 -3.89 -9.79 5.69
CA LEU A 76 -3.54 -11.12 6.15
C LEU A 76 -3.09 -11.91 4.94
N ASN A 77 -1.92 -12.54 5.02
CA ASN A 77 -1.54 -13.52 4.02
C ASN A 77 -1.81 -14.91 4.55
N TYR A 78 -2.48 -15.72 3.74
CA TYR A 78 -2.76 -17.10 4.10
C TYR A 78 -1.59 -18.04 3.85
N GLY A 79 -0.82 -17.73 2.82
CA GLY A 79 0.29 -18.59 2.46
C GLY A 79 0.72 -18.39 1.03
N VAL A 80 1.46 -19.39 0.54
CA VAL A 80 2.05 -19.36 -0.78
C VAL A 80 1.76 -20.67 -1.50
N CYS A 81 1.65 -20.59 -2.82
CA CYS A 81 1.59 -21.78 -3.63
C CYS A 81 2.79 -21.72 -4.55
N VAL A 82 3.74 -22.64 -4.35
CA VAL A 82 4.94 -22.65 -5.17
C VAL A 82 4.99 -23.94 -5.98
N CYS A 83 3.81 -24.52 -6.22
CA CYS A 83 3.66 -25.69 -7.08
C CYS A 83 4.02 -25.34 -8.53
N GLY A 84 4.67 -26.26 -9.22
CA GLY A 84 4.97 -26.08 -10.64
C GLY A 84 5.89 -24.90 -10.89
N ASP A 85 5.60 -24.14 -11.94
CA ASP A 85 6.49 -23.04 -12.37
C ASP A 85 6.03 -21.67 -11.88
N GLU A 86 4.99 -21.67 -11.05
CA GLU A 86 4.36 -20.46 -10.57
C GLU A 86 4.82 -20.10 -9.16
N ASN A 87 4.96 -18.81 -8.92
CA ASN A 87 5.12 -18.28 -7.57
C ASN A 87 3.89 -17.44 -7.20
N ILE A 88 3.09 -17.89 -6.23
CA ILE A 88 1.77 -17.28 -5.92
C ILE A 88 1.62 -16.99 -4.42
N LEU A 89 1.30 -15.74 -4.10
CA LEU A 89 0.90 -15.32 -2.76
C LEU A 89 -0.61 -15.43 -2.67
N VAL A 90 -1.03 -16.10 -1.62
CA VAL A 90 -2.44 -16.27 -1.34
C VAL A 90 -2.80 -15.36 -0.17
N GLN A 91 -3.64 -14.38 -0.44
CA GLN A 91 -3.91 -13.28 0.48
C GLN A 91 -5.43 -13.11 0.71
N GLU A 92 -5.76 -12.48 1.84
CA GLU A 92 -7.15 -12.18 2.12
C GLU A 92 -7.72 -11.27 1.03
N PHE A 93 -8.92 -11.60 0.58
CA PHE A 93 -9.62 -10.78 -0.38
C PHE A 93 -10.38 -9.66 0.36
N VAL A 94 -10.05 -8.41 0.04
CA VAL A 94 -10.65 -7.26 0.72
C VAL A 94 -11.75 -6.71 -0.14
N LYS A 95 -12.97 -6.81 0.39
CA LYS A 95 -14.22 -6.72 -0.39
C LYS A 95 -14.31 -5.49 -1.30
N PHE A 96 -13.94 -4.31 -0.80
CA PHE A 96 -14.20 -3.07 -1.55
C PHE A 96 -13.02 -2.55 -2.35
N GLY A 97 -11.94 -3.35 -2.38
CA GLY A 97 -10.80 -3.07 -3.22
C GLY A 97 -9.98 -1.86 -2.80
N SER A 98 -9.30 -1.30 -3.79
CA SER A 98 -8.27 -0.29 -3.59
C SER A 98 -8.88 1.07 -3.28
N LEU A 99 -8.23 1.80 -2.39
CA LEU A 99 -8.69 3.13 -2.01
C LEU A 99 -8.65 4.14 -3.13
N ASP A 100 -7.64 4.08 -3.98
CA ASP A 100 -7.55 5.05 -5.06
C ASP A 100 -8.76 4.95 -6.01
N THR A 101 -9.17 3.73 -6.33
CA THR A 101 -10.36 3.48 -7.15
C THR A 101 -11.62 3.97 -6.45
N TYR A 102 -11.67 3.70 -5.16
CA TYR A 102 -12.80 4.05 -4.34
C TYR A 102 -12.97 5.56 -4.21
N LEU A 103 -11.84 6.25 -4.03
CA LEU A 103 -11.81 7.71 -3.98
C LEU A 103 -12.38 8.32 -5.24
N LYS A 104 -11.99 7.77 -6.38
CA LYS A 104 -12.45 8.31 -7.66
C LYS A 104 -13.95 8.02 -7.86
N LYS A 105 -14.41 6.83 -7.46
CA LYS A 105 -15.81 6.44 -7.67
C LYS A 105 -16.78 7.12 -6.71
N ASN A 106 -16.31 7.54 -5.54
CA ASN A 106 -17.20 8.05 -4.50
C ASN A 106 -16.85 9.47 -4.05
N LYS A 107 -16.18 10.22 -4.92
CA LYS A 107 -15.50 11.44 -4.49
C LYS A 107 -16.49 12.51 -4.07
N ASN A 108 -17.59 12.64 -4.81
CA ASN A 108 -18.67 13.54 -4.42
C ASN A 108 -19.20 13.22 -3.03
N CYS A 109 -19.02 11.98 -2.57
CA CYS A 109 -19.59 11.53 -1.30
C CYS A 109 -18.61 11.46 -0.12
N ILE A 110 -17.32 11.65 -0.39
CA ILE A 110 -16.31 11.56 0.66
C ILE A 110 -16.00 12.93 1.24
N ASN A 111 -16.02 13.03 2.56
CA ASN A 111 -15.84 14.32 3.24
C ASN A 111 -14.66 14.27 4.20
N ILE A 112 -14.35 15.39 4.83
CA ILE A 112 -13.11 15.50 5.62
C ILE A 112 -13.09 14.48 6.75
N LEU A 113 -14.25 14.23 7.36
CA LEU A 113 -14.33 13.28 8.47
C LEU A 113 -13.95 11.86 8.06
N TRP A 114 -14.39 11.44 6.87
CA TRP A 114 -14.03 10.15 6.31
C TRP A 114 -12.54 10.10 6.03
N LYS A 115 -12.02 11.17 5.43
CA LYS A 115 -10.60 11.27 5.12
C LYS A 115 -9.74 11.18 6.37
N LEU A 116 -10.15 11.85 7.43
CA LEU A 116 -9.36 11.87 8.67
C LEU A 116 -9.35 10.47 9.29
N GLU A 117 -10.47 9.79 9.24
CA GLU A 117 -10.57 8.45 9.80
C GLU A 117 -9.60 7.53 9.08
N VAL A 118 -9.60 7.57 7.75
CA VAL A 118 -8.72 6.74 6.94
C VAL A 118 -7.26 7.11 7.17
N ALA A 119 -6.94 8.40 7.26
CA ALA A 119 -5.55 8.84 7.54
C ALA A 119 -5.06 8.32 8.89
N LYS A 120 -5.93 8.42 9.89
CA LYS A 120 -5.63 7.95 11.23
C LYS A 120 -5.34 6.45 11.31
N GLN A 121 -6.11 5.68 10.54
CA GLN A 121 -5.96 4.25 10.49
C GLN A 121 -4.65 3.93 9.79
N LEU A 122 -4.36 4.63 8.68
CA LEU A 122 -3.09 4.38 7.98
C LEU A 122 -1.91 4.74 8.88
N ALA A 123 -2.01 5.87 9.58
CA ALA A 123 -0.95 6.29 10.51
C ALA A 123 -0.76 5.27 11.65
N ALA A 124 -1.87 4.69 12.11
CA ALA A 124 -1.81 3.69 13.15
C ALA A 124 -0.98 2.48 12.67
N ALA A 125 -1.25 2.03 11.47
CA ALA A 125 -0.52 0.94 10.84
C ALA A 125 0.98 1.25 10.69
N MET A 126 1.27 2.45 10.21
CA MET A 126 2.67 2.89 10.00
C MET A 126 3.42 3.07 11.33
N HIS A 127 2.73 3.54 12.36
CA HIS A 127 3.30 3.63 13.70
C HIS A 127 3.72 2.28 14.25
N PHE A 128 2.85 1.29 14.03
CA PHE A 128 3.10 -0.09 14.40
C PHE A 128 4.35 -0.62 13.66
N LEU A 129 4.43 -0.35 12.36
CA LEU A 129 5.61 -0.75 11.59
C LEU A 129 6.87 -0.04 12.10
N GLU A 130 6.75 1.27 12.35
CA GLU A 130 7.88 2.06 12.84
C GLU A 130 8.38 1.48 14.16
N GLU A 131 7.45 1.19 15.07
CA GLU A 131 7.78 0.60 16.38
C GLU A 131 8.52 -0.71 16.23
N ASN A 132 8.16 -1.48 15.21
CA ASN A 132 8.83 -2.73 14.90
C ASN A 132 10.06 -2.62 14.00
N THR A 133 10.50 -1.40 13.72
CA THR A 133 11.57 -1.11 12.76
C THR A 133 11.43 -1.89 11.44
N LEU A 134 10.22 -1.91 10.88
CA LEU A 134 9.96 -2.57 9.61
C LEU A 134 9.65 -1.52 8.54
N ILE A 135 10.41 -1.54 7.46
CA ILE A 135 10.19 -0.63 6.34
C ILE A 135 9.16 -1.24 5.37
N HIS A 136 8.12 -0.50 5.03
CA HIS A 136 7.15 -1.00 4.05
C HIS A 136 7.66 -0.76 2.64
N GLY A 137 7.91 0.49 2.27
CA GLY A 137 8.61 0.78 1.00
C GLY A 137 7.69 1.04 -0.19
N ASN A 138 6.40 0.77 -0.02
CA ASN A 138 5.43 1.06 -1.07
C ASN A 138 4.05 1.48 -0.57
N VAL A 139 4.06 2.52 0.26
CA VAL A 139 2.81 3.11 0.78
C VAL A 139 2.24 4.00 -0.31
N CYS A 140 0.98 3.73 -0.67
CA CYS A 140 0.29 4.48 -1.70
C CYS A 140 -1.19 4.14 -1.63
N ALA A 141 -2.07 4.95 -2.21
CA ALA A 141 -3.49 4.71 -2.06
C ALA A 141 -3.93 3.40 -2.71
N LYS A 142 -3.28 2.98 -3.81
CA LYS A 142 -3.65 1.71 -4.44
C LYS A 142 -3.42 0.53 -3.52
N ASN A 143 -2.47 0.70 -2.59
CA ASN A 143 -2.06 -0.34 -1.64
C ASN A 143 -2.77 -0.24 -0.30
N ILE A 144 -3.80 0.61 -0.26
CA ILE A 144 -4.71 0.66 0.87
C ILE A 144 -6.03 0.06 0.39
N LEU A 145 -6.51 -0.92 1.13
CA LEU A 145 -7.66 -1.72 0.73
C LEU A 145 -8.77 -1.48 1.72
N LEU A 146 -9.99 -1.31 1.21
CA LEU A 146 -11.16 -0.97 2.03
C LEU A 146 -11.97 -2.23 2.41
N ILE A 147 -11.86 -2.60 3.68
CA ILE A 147 -12.53 -3.76 4.27
C ILE A 147 -14.02 -3.50 4.45
N ARG A 148 -14.33 -2.30 4.91
CA ARG A 148 -15.70 -1.91 5.08
C ARG A 148 -15.97 -0.42 4.86
N GLU A 149 -17.13 -0.16 4.27
CA GLU A 149 -17.55 1.21 3.99
C GLU A 149 -18.06 1.86 5.26
N GLU A 150 -18.02 3.19 5.26
CA GLU A 150 -18.66 3.99 6.26
C GLU A 150 -20.14 3.69 6.25
N ASP A 151 -20.74 3.64 7.43
CA ASP A 151 -22.20 3.57 7.55
C ASP A 151 -22.62 4.59 8.59
N ARG A 152 -23.04 5.76 8.12
CA ARG A 152 -23.61 6.81 8.99
C ARG A 152 -24.76 6.28 9.85
N LYS A 153 -25.65 5.50 9.25
CA LYS A 153 -26.83 4.99 9.97
C LYS A 153 -26.47 4.30 11.28
N THR A 154 -25.31 3.66 11.33
CA THR A 154 -24.84 2.97 12.52
C THR A 154 -23.58 3.59 13.14
N GLY A 155 -23.15 4.75 12.64
CA GLY A 155 -21.94 5.41 13.13
C GLY A 155 -20.64 4.66 12.88
N ASN A 156 -20.68 3.64 12.02
CA ASN A 156 -19.49 2.88 11.71
C ASN A 156 -18.59 3.65 10.75
N PRO A 157 -17.32 3.86 11.13
CA PRO A 157 -16.43 4.47 10.16
C PRO A 157 -15.96 3.49 9.10
N PRO A 158 -15.34 4.01 8.03
CA PRO A 158 -14.71 3.08 7.12
C PRO A 158 -13.58 2.36 7.85
N PHE A 159 -13.14 1.23 7.31
CA PHE A 159 -12.03 0.45 7.89
C PHE A 159 -11.13 -0.01 6.76
N ILE A 160 -9.85 0.32 6.87
CA ILE A 160 -8.86 -0.04 5.85
C ILE A 160 -7.77 -0.99 6.33
N LYS A 161 -7.11 -1.60 5.37
CA LYS A 161 -5.86 -2.32 5.66
C LYS A 161 -4.80 -1.94 4.62
N LEU A 162 -3.53 -2.03 5.03
CA LEU A 162 -2.40 -1.77 4.17
C LEU A 162 -1.95 -3.11 3.63
N SER A 163 -1.73 -3.16 2.32
CA SER A 163 -1.37 -4.40 1.65
C SER A 163 0.11 -4.66 1.78
N ASP A 164 0.58 -5.74 1.18
CA ASP A 164 1.99 -6.07 1.24
C ASP A 164 2.84 -5.11 0.39
N PRO A 165 4.15 -5.00 0.71
CA PRO A 165 5.09 -4.11 0.05
C PRO A 165 5.38 -4.40 -1.42
N GLY A 166 5.31 -5.66 -1.82
CA GLY A 166 5.66 -6.02 -3.20
C GLY A 166 7.18 -6.05 -3.35
N ILE A 167 7.65 -6.12 -4.59
CA ILE A 167 9.08 -6.25 -4.85
C ILE A 167 9.71 -4.94 -4.38
N SER A 168 10.78 -5.05 -3.61
CA SER A 168 11.45 -3.90 -3.01
C SER A 168 12.05 -2.90 -4.01
N ILE A 169 11.92 -1.60 -3.73
CA ILE A 169 12.59 -0.58 -4.56
C ILE A 169 14.14 -0.76 -4.58
N THR A 170 14.67 -1.52 -3.63
CA THR A 170 16.11 -1.83 -3.62
C THR A 170 16.55 -2.82 -4.71
N VAL A 171 15.61 -3.46 -5.40
CA VAL A 171 15.93 -4.38 -6.51
C VAL A 171 15.28 -3.99 -7.84
N LEU A 172 14.36 -3.04 -7.81
CA LEU A 172 13.59 -2.70 -9.00
C LEU A 172 14.43 -1.86 -9.96
N PRO A 173 14.17 -1.99 -11.28
CA PRO A 173 14.87 -1.18 -12.27
C PRO A 173 14.68 0.31 -12.04
N LYS A 174 15.70 1.09 -12.39
CA LYS A 174 15.66 2.55 -12.27
C LYS A 174 14.44 3.19 -12.93
N ASP A 175 14.05 2.73 -14.12
CA ASP A 175 12.93 3.36 -14.83
C ASP A 175 11.57 3.19 -14.12
N ILE A 176 11.39 2.06 -13.45
CA ILE A 176 10.22 1.82 -12.62
C ILE A 176 10.22 2.73 -11.40
N LEU A 177 11.37 2.86 -10.75
CA LEU A 177 11.50 3.77 -9.62
C LEU A 177 11.14 5.19 -10.02
N GLN A 178 11.63 5.65 -11.16
CA GLN A 178 11.41 7.02 -11.59
C GLN A 178 9.94 7.27 -11.86
N GLU A 179 9.27 6.24 -12.38
CA GLU A 179 7.84 6.30 -12.66
C GLU A 179 7.04 6.39 -11.36
N ARG A 180 7.62 5.94 -10.25
CA ARG A 180 6.96 5.97 -8.97
C ARG A 180 7.26 7.24 -8.15
N ILE A 181 7.94 8.19 -8.76
CA ILE A 181 7.97 9.55 -8.23
C ILE A 181 6.54 10.05 -8.33
N PRO A 182 6.00 10.67 -7.25
CA PRO A 182 6.61 11.14 -6.00
C PRO A 182 6.28 10.30 -4.75
N TRP A 183 6.00 9.01 -4.94
CA TRP A 183 5.89 8.11 -3.79
C TRP A 183 7.27 7.69 -3.30
N VAL A 184 8.17 7.37 -4.23
CA VAL A 184 9.55 7.04 -3.87
C VAL A 184 10.23 8.34 -3.52
N PRO A 185 10.87 8.41 -2.34
CA PRO A 185 11.45 9.67 -1.94
C PRO A 185 12.74 10.02 -2.67
N PRO A 186 13.14 11.30 -2.61
CA PRO A 186 14.25 11.81 -3.39
C PRO A 186 15.54 11.06 -3.06
N GLU A 187 15.75 10.71 -1.81
CA GLU A 187 17.01 10.04 -1.41
C GLU A 187 17.11 8.64 -1.99
N CYS A 188 15.97 8.01 -2.26
CA CYS A 188 15.91 6.69 -2.86
C CYS A 188 16.09 6.71 -4.38
N ILE A 189 15.68 7.80 -5.01
CA ILE A 189 16.03 8.02 -6.41
C ILE A 189 17.55 8.24 -6.53
N GLU A 190 18.12 8.99 -5.60
CA GLU A 190 19.55 9.20 -5.54
C GLU A 190 20.31 7.88 -5.39
N ASN A 191 19.83 7.03 -4.50
CA ASN A 191 20.41 5.73 -4.20
C ASN A 191 19.36 4.83 -3.57
N PRO A 192 18.85 3.81 -4.31
CA PRO A 192 17.78 2.99 -3.74
C PRO A 192 18.16 2.28 -2.44
N LYS A 193 19.45 2.12 -2.18
CA LYS A 193 19.90 1.57 -0.91
C LYS A 193 19.70 2.51 0.27
N ASN A 194 19.33 3.76 0.01
CA ASN A 194 18.95 4.70 1.07
C ASN A 194 17.57 4.38 1.68
N LEU A 195 16.94 3.27 1.27
CA LEU A 195 15.66 2.85 1.88
C LEU A 195 15.78 2.74 3.40
N ASN A 196 14.87 3.41 4.10
CA ASN A 196 15.01 3.68 5.53
C ASN A 196 13.59 3.87 6.09
N LEU A 197 13.42 3.87 7.40
CA LEU A 197 12.08 4.14 7.98
C LEU A 197 11.56 5.52 7.52
N ALA A 198 12.48 6.48 7.37
CA ALA A 198 12.11 7.81 6.87
C ALA A 198 11.45 7.76 5.49
N THR A 199 11.74 6.71 4.71
CA THR A 199 11.10 6.49 3.41
C THR A 199 9.59 6.52 3.52
N ASP A 200 9.06 5.81 4.51
CA ASP A 200 7.61 5.63 4.57
C ASP A 200 6.90 6.90 5.02
N LYS A 201 7.61 7.80 5.71
CA LYS A 201 7.00 9.07 6.11
C LYS A 201 6.73 9.93 4.86
N TRP A 202 7.67 9.94 3.92
CA TRP A 202 7.55 10.67 2.67
C TRP A 202 6.37 10.13 1.90
N SER A 203 6.35 8.81 1.71
CA SER A 203 5.27 8.16 0.92
C SER A 203 3.88 8.34 1.54
N PHE A 204 3.83 8.30 2.87
CA PHE A 204 2.61 8.61 3.62
C PHE A 204 2.08 9.99 3.26
N GLY A 205 2.97 10.99 3.17
CA GLY A 205 2.57 12.32 2.69
C GLY A 205 1.98 12.30 1.30
N THR A 206 2.63 11.58 0.40
CA THR A 206 2.09 11.44 -0.94
C THR A 206 0.71 10.79 -0.94
N THR A 207 0.51 9.81 -0.07
CA THR A 207 -0.72 9.07 0.03
C THR A 207 -1.82 9.94 0.57
N LEU A 208 -1.49 10.78 1.53
CA LEU A 208 -2.47 11.76 2.00
C LEU A 208 -2.93 12.71 0.90
N TRP A 209 -1.97 13.16 0.08
CA TRP A 209 -2.33 13.96 -1.10
C TRP A 209 -3.36 13.25 -1.99
N GLU A 210 -3.12 11.97 -2.27
CA GLU A 210 -4.06 11.15 -3.03
C GLU A 210 -5.42 11.13 -2.36
N ILE A 211 -5.42 10.94 -1.03
CA ILE A 211 -6.67 10.80 -0.28
C ILE A 211 -7.51 12.10 -0.38
N CYS A 212 -6.82 13.22 -0.47
CA CYS A 212 -7.44 14.54 -0.59
C CYS A 212 -7.76 14.93 -2.02
N SER A 213 -7.28 14.17 -3.00
CA SER A 213 -7.33 14.59 -4.41
C SER A 213 -8.22 13.70 -5.26
N GLY A 214 -9.21 13.06 -4.63
CA GLY A 214 -10.27 12.36 -5.37
C GLY A 214 -9.80 11.24 -6.30
N GLY A 215 -8.65 10.64 -6.01
CA GLY A 215 -8.13 9.57 -6.87
C GLY A 215 -7.13 10.02 -7.92
N ASP A 216 -6.92 11.33 -8.03
CA ASP A 216 -5.85 11.85 -8.89
C ASP A 216 -4.51 11.32 -8.45
N LYS A 217 -3.60 11.20 -9.41
CA LYS A 217 -2.25 10.74 -9.15
C LYS A 217 -1.31 11.94 -9.28
N PRO A 218 -0.59 12.27 -8.20
CA PRO A 218 0.27 13.44 -8.26
C PRO A 218 1.35 13.31 -9.34
N LEU A 219 1.56 14.41 -10.07
CA LEU A 219 2.55 14.50 -11.13
C LEU A 219 2.33 13.55 -12.32
N SER A 220 1.12 13.01 -12.45
CA SER A 220 0.83 12.10 -13.56
C SER A 220 1.07 12.73 -14.94
N ALA A 221 0.94 14.05 -15.05
CA ALA A 221 1.17 14.75 -16.33
C ALA A 221 2.66 14.85 -16.69
N LEU A 222 3.56 14.57 -15.74
CA LEU A 222 5.00 14.64 -15.98
C LEU A 222 5.53 13.25 -16.41
N ASP A 223 6.31 13.24 -17.49
CA ASP A 223 7.06 12.04 -17.88
C ASP A 223 8.20 11.83 -16.92
N SER A 224 8.87 10.69 -17.07
CA SER A 224 9.89 10.30 -16.09
C SER A 224 11.03 11.30 -15.98
N GLN A 225 11.47 11.84 -17.11
CA GLN A 225 12.56 12.84 -17.09
C GLN A 225 12.12 14.05 -16.28
N ARG A 226 10.88 14.49 -16.46
CA ARG A 226 10.37 15.67 -15.75
C ARG A 226 10.13 15.40 -14.27
N LYS A 227 9.74 14.17 -13.93
CA LYS A 227 9.61 13.80 -12.52
C LYS A 227 10.97 13.85 -11.82
N LEU A 228 12.02 13.40 -12.50
CA LEU A 228 13.38 13.52 -11.96
C LEU A 228 13.76 14.97 -11.67
N GLN A 229 13.52 15.83 -12.65
CA GLN A 229 13.85 17.25 -12.51
C GLN A 229 13.02 17.95 -11.43
N PHE A 230 11.80 17.48 -11.20
CA PHE A 230 10.96 17.95 -10.10
C PHE A 230 11.69 17.82 -8.76
N TYR A 231 12.32 16.66 -8.53
CA TYR A 231 13.12 16.40 -7.34
C TYR A 231 14.45 17.17 -7.35
N GLU A 232 15.11 17.23 -8.49
CA GLU A 232 16.33 18.03 -8.59
C GLU A 232 16.07 19.50 -8.25
N ASP A 233 14.92 20.02 -8.63
CA ASP A 233 14.52 21.39 -8.33
C ASP A 233 13.88 21.57 -6.94
N ARG A 234 13.70 20.47 -6.21
CA ARG A 234 13.16 20.49 -4.86
C ARG A 234 11.75 21.06 -4.74
N HIS A 235 10.91 20.77 -5.72
CA HIS A 235 9.53 21.19 -5.69
C HIS A 235 8.74 20.36 -4.72
N GLN A 236 7.60 20.90 -4.30
CA GLN A 236 6.64 20.19 -3.48
C GLN A 236 5.37 19.99 -4.31
N LEU A 237 4.52 19.10 -3.85
CA LEU A 237 3.25 18.89 -4.52
C LEU A 237 2.34 20.10 -4.27
N PRO A 238 1.43 20.39 -5.22
CA PRO A 238 0.49 21.46 -5.00
C PRO A 238 -0.47 21.11 -3.87
N ALA A 239 -0.96 22.11 -3.15
CA ALA A 239 -1.96 21.87 -2.10
C ALA A 239 -3.22 21.33 -2.79
N PRO A 240 -3.82 20.26 -2.25
CA PRO A 240 -5.11 19.87 -2.81
C PRO A 240 -6.15 20.99 -2.59
N LYS A 241 -7.14 21.09 -3.46
CA LYS A 241 -8.22 22.09 -3.33
C LYS A 241 -8.91 21.96 -1.97
N ALA A 242 -9.11 20.73 -1.52
CA ALA A 242 -9.47 20.44 -0.14
C ALA A 242 -8.17 20.39 0.69
N ALA A 243 -7.82 21.52 1.30
CA ALA A 243 -6.47 21.78 1.84
C ALA A 243 -6.21 21.41 3.30
N GLU A 244 -7.15 20.72 3.94
CA GLU A 244 -7.11 20.52 5.39
C GLU A 244 -5.86 19.78 5.88
N LEU A 245 -5.31 18.94 5.02
CA LEU A 245 -4.12 18.16 5.35
C LEU A 245 -2.86 18.64 4.61
N ALA A 246 -2.94 19.79 3.93
CA ALA A 246 -1.84 20.27 3.13
C ALA A 246 -0.57 20.50 3.95
N ASN A 247 -0.69 21.09 5.13
CA ASN A 247 0.49 21.33 5.97
C ASN A 247 1.13 19.99 6.36
N LEU A 248 0.29 19.02 6.77
CA LEU A 248 0.78 17.69 7.12
C LEU A 248 1.49 16.98 5.94
N ILE A 249 0.91 17.08 4.75
CA ILE A 249 1.53 16.55 3.52
C ILE A 249 2.94 17.13 3.34
N ASN A 250 3.07 18.46 3.42
CA ASN A 250 4.38 19.08 3.25
C ASN A 250 5.39 18.76 4.33
N ASN A 251 4.92 18.66 5.57
CA ASN A 251 5.79 18.26 6.67
C ASN A 251 6.32 16.85 6.52
N CYS A 252 5.47 15.93 6.00
CA CYS A 252 5.92 14.56 5.72
C CYS A 252 6.87 14.49 4.52
N MET A 253 6.56 15.24 3.49
CA MET A 253 7.34 15.25 2.27
C MET A 253 8.49 16.25 2.41
N ASP A 254 9.33 16.03 3.40
CA ASP A 254 10.46 16.92 3.66
C ASP A 254 11.69 16.33 2.96
N TYR A 255 12.36 17.13 2.15
CA TYR A 255 13.54 16.65 1.43
C TYR A 255 14.69 16.20 2.34
N GLU A 256 14.71 16.66 3.60
CA GLU A 256 15.66 16.14 4.58
C GLU A 256 14.98 15.00 5.38
N PRO A 257 15.39 13.74 5.14
CA PRO A 257 14.74 12.60 5.79
C PRO A 257 14.71 12.66 7.32
N ASP A 258 15.78 13.16 7.92
CA ASP A 258 15.87 13.34 9.36
C ASP A 258 14.82 14.28 9.96
N HIS A 259 14.25 15.17 9.15
CA HIS A 259 13.32 16.15 9.69
C HIS A 259 11.89 15.70 9.59
N ARG A 260 11.65 14.55 8.96
CA ARG A 260 10.30 14.07 8.78
C ARG A 260 9.74 13.64 10.14
N PRO A 261 8.48 14.01 10.44
CA PRO A 261 7.94 13.70 11.78
C PRO A 261 7.75 12.20 12.06
N SER A 262 7.93 11.79 13.31
CA SER A 262 7.55 10.44 13.77
C SER A 262 6.06 10.20 13.51
N PHE A 263 5.66 8.94 13.37
CA PHE A 263 4.24 8.63 13.23
C PHE A 263 3.42 8.99 14.47
N ARG A 264 4.05 8.95 15.63
CA ARG A 264 3.44 9.47 16.84
C ARG A 264 3.06 10.94 16.68
N ALA A 265 4.00 11.75 16.18
CA ALA A 265 3.76 13.18 15.96
C ALA A 265 2.68 13.39 14.90
N ILE A 266 2.73 12.58 13.86
CA ILE A 266 1.72 12.60 12.80
C ILE A 266 0.34 12.31 13.37
N ILE A 267 0.24 11.27 14.17
CA ILE A 267 -1.05 10.94 14.78
C ILE A 267 -1.56 12.07 15.68
N ARG A 268 -0.68 12.68 16.47
CA ARG A 268 -1.06 13.80 17.32
C ARG A 268 -1.61 14.96 16.48
N ASP A 269 -0.97 15.24 15.36
CA ASP A 269 -1.41 16.28 14.43
C ASP A 269 -2.81 15.98 13.85
N LEU A 270 -3.00 14.74 13.42
CA LEU A 270 -4.30 14.33 12.89
C LEU A 270 -5.42 14.47 13.93
N ASN A 271 -5.14 14.01 15.16
CA ASN A 271 -6.06 14.14 16.27
C ASN A 271 -6.39 15.59 16.62
N SER A 272 -5.50 16.53 16.29
CA SER A 272 -5.78 17.94 16.57
C SER A 272 -6.75 18.61 15.58
N LEU A 273 -7.11 17.93 14.49
CA LEU A 273 -7.98 18.52 13.44
C LEU A 273 -9.49 18.33 13.71
N PHE A 274 -10.32 18.89 12.83
CA PHE A 274 -11.78 18.89 12.97
C PHE A 274 -12.30 17.97 14.07
PG ATP B . 2.46 -3.21 -6.51
O1G ATP B . 2.79 -2.27 -7.62
O2G ATP B . 3.61 -3.85 -5.82
O3G ATP B . 1.39 -2.70 -5.56
PB ATP B . 0.66 -5.45 -6.77
O1B ATP B . 0.50 -5.46 -5.27
O2B ATP B . 1.01 -6.81 -7.33
O3B ATP B . 1.71 -4.37 -7.36
PA ATP B . -1.62 -3.78 -7.13
O1A ATP B . -1.41 -2.83 -8.30
O2A ATP B . -1.31 -3.37 -5.71
O3A ATP B . -0.75 -5.08 -7.46
O5' ATP B . -3.08 -4.39 -7.22
C5' ATP B . -3.76 -4.65 -8.43
C4' ATP B . -5.25 -4.60 -8.13
O4' ATP B . -5.66 -5.77 -7.43
C3' ATP B . -5.59 -3.44 -7.19
O3' ATP B . -6.09 -2.23 -7.78
C2' ATP B . -6.63 -3.92 -6.23
O2' ATP B . -7.90 -3.34 -6.46
C1' ATP B . -6.63 -5.44 -6.41
N9 ATP B . -6.21 -6.03 -5.14
C8 ATP B . -4.94 -6.11 -4.73
N7 ATP B . -4.88 -6.69 -3.52
C5 ATP B . -6.15 -6.97 -3.16
C6 ATP B . -6.78 -7.61 -2.00
N6 ATP B . -5.99 -8.06 -1.02
N1 ATP B . -8.12 -7.73 -2.02
C2 ATP B . -8.89 -7.28 -3.02
N3 ATP B . -8.38 -6.69 -4.12
C4 ATP B . -7.03 -6.52 -4.22
MG MG C . 0.06 -3.62 -4.40
C ACT D . 2.70 3.89 -7.14
O ACT D . 2.89 3.73 -8.36
OXT ACT D . 1.67 4.44 -6.70
CH3 ACT D . 3.74 3.40 -6.17
C ACT E . -2.08 -17.72 -13.92
O ACT E . -3.28 -17.66 -14.28
OXT ACT E . -1.60 -18.76 -13.41
CH3 ACT E . -1.22 -16.50 -14.07
#